data_9QEK
#
_entry.id   9QEK
#
_cell.length_a   106.020
_cell.length_b   106.020
_cell.length_c   50.510
_cell.angle_alpha   90.000
_cell.angle_beta   90.000
_cell.angle_gamma   120.000
#
_symmetry.space_group_name_H-M   'P 64'
#
loop_
_entity.id
_entity.type
_entity.pdbx_description
1 polymer 'Proto-oncogene tyrosine-protein kinase ROS'
2 non-polymer 1,2-ETHANEDIOL
3 non-polymer Zidesamtinib
4 water water
#
_entity_poly.entity_id   1
_entity_poly.type   'polypeptide(L)'
_entity_poly.pdbx_seq_one_letter_code
;GSIENLPAFPREKLTLRLLLGSGAFGEVYEGTAVDILGVGSGEIKVAVKTLKKGSTDQEKIEFLKEAHLMSKFNHPNILK
QLGVCLLNEPQYIILELMEGRDLLTYLRKARMATFYGPLLTLVDLVDLCVDISKGCVYLERMHFIHRDLAARNCLVSVKD
YTSPRIVKIGDFGLARDIYKNDYYRKRGEGLLPVRWMAPESLMDGIFTTQSDVWSFGILIWEILTLGHQPYPAHSNLDVL
NYVQTGGRLEPPRNCPDDLWNLMTQCWAQEPDQRPTFHRIQDQLQLFRNFFLNSIYKSRDE
;
_entity_poly.pdbx_strand_id   A
#
# COMPACT_ATOMS: atom_id res chain seq x y z
N SER A 2 -17.44 -18.95 -15.45
CA SER A 2 -17.06 -17.55 -15.11
C SER A 2 -15.93 -17.07 -16.01
N ILE A 3 -16.29 -16.36 -17.08
CA ILE A 3 -15.34 -15.76 -18.00
C ILE A 3 -15.12 -14.31 -17.57
N GLU A 4 -13.86 -13.95 -17.28
CA GLU A 4 -13.52 -12.62 -16.80
C GLU A 4 -13.65 -11.59 -17.93
N ASN A 5 -13.99 -10.35 -17.54
CA ASN A 5 -14.17 -9.25 -18.49
C ASN A 5 -13.63 -7.97 -17.87
N LEU A 6 -12.62 -7.37 -18.52
CA LEU A 6 -12.05 -6.11 -18.08
C LEU A 6 -12.96 -4.97 -18.54
N PRO A 7 -13.04 -3.84 -17.79
CA PRO A 7 -13.91 -2.73 -18.15
C PRO A 7 -13.35 -1.83 -19.25
N ALA A 8 -13.89 -1.93 -20.46
CA ALA A 8 -13.37 -1.17 -21.59
C ALA A 8 -13.91 0.26 -21.53
N PHE A 9 -13.04 1.23 -21.85
CA PHE A 9 -13.42 2.63 -21.85
C PHE A 9 -12.91 3.30 -23.12
N PRO A 10 -13.78 4.02 -23.89
CA PRO A 10 -13.37 4.70 -25.11
C PRO A 10 -12.12 5.55 -24.94
N ARG A 11 -11.09 5.21 -25.74
CA ARG A 11 -9.79 5.85 -25.68
C ARG A 11 -9.89 7.34 -26.04
N GLU A 12 -10.84 7.66 -26.93
CA GLU A 12 -11.02 9.02 -27.44
C GLU A 12 -11.35 9.98 -26.32
N LYS A 13 -12.02 9.49 -25.27
CA LYS A 13 -12.50 10.32 -24.18
C LYS A 13 -11.37 10.62 -23.19
N LEU A 14 -10.29 9.83 -23.25
CA LEU A 14 -9.19 9.95 -22.30
C LEU A 14 -8.18 10.97 -22.83
N THR A 15 -7.72 11.86 -21.94
CA THR A 15 -6.70 12.84 -22.27
C THR A 15 -5.61 12.80 -21.21
N LEU A 16 -4.39 12.42 -21.62
CA LEU A 16 -3.21 12.50 -20.76
C LEU A 16 -2.80 13.95 -20.61
N ARG A 17 -2.28 14.33 -19.42
CA ARG A 17 -1.98 15.72 -19.11
C ARG A 17 -0.63 15.85 -18.42
N LEU A 18 -0.36 15.01 -17.42
CA LEU A 18 0.87 15.12 -16.64
C LEU A 18 1.55 13.75 -16.56
N LEU A 19 2.86 13.73 -16.83
CA LEU A 19 3.68 12.54 -16.61
C LEU A 19 4.02 12.48 -15.12
N LEU A 20 3.92 11.28 -14.54
CA LEU A 20 4.23 11.08 -13.13
C LEU A 20 5.58 10.37 -12.99
N GLY A 21 5.83 9.38 -13.87
CA GLY A 21 7.12 8.71 -13.88
C GLY A 21 7.09 7.43 -14.71
N SER A 22 7.96 6.47 -14.33
CA SER A 22 8.04 5.18 -14.97
C SER A 22 7.67 4.08 -13.99
N GLY A 23 6.99 3.04 -14.50
CA GLY A 23 6.54 1.94 -13.65
C GLY A 23 5.85 0.87 -14.47
N GLY A 26 6.22 0.49 -19.15
CA GLY A 26 5.57 1.73 -19.59
C GLY A 26 5.79 2.87 -18.61
N GLU A 27 4.97 3.92 -18.73
CA GLU A 27 5.02 5.07 -17.84
C GLU A 27 3.65 5.29 -17.20
N VAL A 28 3.58 6.23 -16.26
CA VAL A 28 2.36 6.51 -15.52
C VAL A 28 2.03 7.99 -15.71
N TYR A 29 0.75 8.29 -15.96
CA TYR A 29 0.32 9.64 -16.25
C TYR A 29 -0.89 10.00 -15.40
N GLU A 30 -1.06 11.31 -15.18
CA GLU A 30 -2.32 11.88 -14.70
C GLU A 30 -3.05 12.45 -15.92
N GLY A 31 -4.39 12.37 -15.90
CA GLY A 31 -5.19 12.81 -17.02
C GLY A 31 -6.66 12.91 -16.65
N THR A 32 -7.51 13.13 -17.66
CA THR A 32 -8.95 13.23 -17.46
C THR A 32 -9.67 12.31 -18.44
N ALA A 33 -10.92 11.95 -18.08
CA ALA A 33 -11.68 10.95 -18.80
C ALA A 33 -13.17 11.21 -18.62
N VAL A 34 -13.92 11.18 -19.73
CA VAL A 34 -15.29 11.68 -19.76
C VAL A 34 -16.26 10.55 -19.43
N ASP A 35 -17.08 10.78 -18.40
CA ASP A 35 -18.22 9.92 -18.06
C ASP A 35 -17.74 8.49 -17.77
N ILE A 36 -16.57 8.37 -17.13
CA ILE A 36 -16.11 7.09 -16.62
C ILE A 36 -17.18 6.53 -15.68
N LEU A 37 -17.62 7.36 -14.74
CA LEU A 37 -18.64 6.98 -13.76
C LEU A 37 -20.03 7.35 -14.32
N GLY A 40 -23.00 11.35 -17.43
CA GLY A 40 -23.37 12.27 -16.33
C GLY A 40 -22.13 12.75 -15.57
N SER A 41 -21.23 11.82 -15.26
CA SER A 41 -20.04 12.09 -14.46
C SER A 41 -19.31 13.33 -14.94
N GLY A 42 -19.16 13.45 -16.27
CA GLY A 42 -18.44 14.57 -16.87
C GLY A 42 -16.94 14.30 -16.94
N GLU A 43 -16.14 15.33 -16.68
CA GLU A 43 -14.69 15.25 -16.77
C GLU A 43 -14.10 15.01 -15.37
N ILE A 44 -13.61 13.79 -15.14
CA ILE A 44 -13.03 13.42 -13.86
C ILE A 44 -11.58 12.98 -14.08
N LYS A 45 -10.76 13.19 -13.05
CA LYS A 45 -9.32 13.00 -13.13
C LYS A 45 -8.97 11.55 -12.82
N VAL A 46 -7.96 11.01 -13.51
CA VAL A 46 -7.59 9.62 -13.40
C VAL A 46 -6.07 9.48 -13.49
N ALA A 47 -5.55 8.35 -13.02
CA ALA A 47 -4.19 7.94 -13.30
C ALA A 47 -4.21 6.89 -14.41
N VAL A 48 -3.19 6.91 -15.28
CA VAL A 48 -3.12 6.01 -16.42
C VAL A 48 -1.78 5.29 -16.40
N LYS A 49 -1.82 3.96 -16.28
CA LYS A 49 -0.64 3.12 -16.37
C LYS A 49 -0.54 2.58 -17.80
N THR A 50 0.61 2.80 -18.46
CA THR A 50 0.78 2.43 -19.85
C THR A 50 1.63 1.17 -19.96
N LEU A 51 1.64 0.58 -21.16
CA LEU A 51 2.52 -0.51 -21.51
C LEU A 51 3.34 -0.06 -22.72
N LYS A 52 4.67 0.00 -22.54
CA LYS A 52 5.57 0.60 -23.53
C LYS A 52 5.45 -0.14 -24.86
N LYS A 53 5.37 0.64 -25.95
CA LYS A 53 5.26 0.10 -27.31
C LYS A 53 6.41 -0.88 -27.59
N GLY A 54 6.07 -1.99 -28.25
CA GLY A 54 7.05 -2.96 -28.69
C GLY A 54 7.75 -3.66 -27.53
N SER A 55 7.03 -3.88 -26.43
CA SER A 55 7.58 -4.57 -25.27
C SER A 55 7.42 -6.08 -25.44
N THR A 56 8.11 -6.85 -24.60
CA THR A 56 8.20 -8.29 -24.74
C THR A 56 6.79 -8.89 -24.71
N ASP A 57 6.63 -10.04 -25.37
CA ASP A 57 5.35 -10.72 -25.42
C ASP A 57 4.92 -11.10 -24.00
N GLN A 58 5.90 -11.51 -23.18
CA GLN A 58 5.67 -11.82 -21.77
C GLN A 58 5.24 -10.58 -21.00
N GLU A 59 5.86 -9.43 -21.32
CA GLU A 59 5.57 -8.18 -20.64
C GLU A 59 4.09 -7.82 -20.81
N LYS A 60 3.51 -8.15 -21.98
CA LYS A 60 2.12 -7.84 -22.26
C LYS A 60 1.19 -8.75 -21.45
N ILE A 61 1.66 -9.96 -21.11
CA ILE A 61 0.84 -10.91 -20.36
C ILE A 61 0.79 -10.49 -18.90
N GLU A 62 1.92 -10.07 -18.35
CA GLU A 62 2.01 -9.59 -16.99
C GLU A 62 1.07 -8.40 -16.80
N PHE A 63 1.08 -7.49 -17.78
CA PHE A 63 0.26 -6.29 -17.73
C PHE A 63 -1.22 -6.66 -17.63
N LEU A 64 -1.63 -7.69 -18.38
CA LEU A 64 -3.02 -8.11 -18.40
C LEU A 64 -3.38 -8.86 -17.11
N LYS A 65 -2.37 -9.48 -16.47
CA LYS A 65 -2.59 -10.16 -15.21
C LYS A 65 -3.00 -9.15 -14.14
N GLU A 66 -2.26 -8.04 -14.07
CA GLU A 66 -2.59 -6.93 -13.19
C GLU A 66 -4.05 -6.55 -13.37
N ALA A 67 -4.43 -6.31 -14.63
CA ALA A 67 -5.76 -5.80 -14.95
C ALA A 67 -6.84 -6.72 -14.39
N HIS A 68 -6.67 -8.04 -14.61
CA HIS A 68 -7.63 -9.03 -14.17
C HIS A 68 -7.80 -9.01 -12.65
N LEU A 69 -6.68 -8.94 -11.93
CA LEU A 69 -6.69 -8.92 -10.47
C LEU A 69 -7.56 -7.78 -9.97
N MET A 70 -7.38 -6.58 -10.55
CA MET A 70 -8.06 -5.39 -10.05
C MET A 70 -9.53 -5.38 -10.45
N SER A 71 -9.89 -6.10 -11.51
CA SER A 71 -11.28 -6.25 -11.90
C SER A 71 -12.04 -7.06 -10.83
N LYS A 72 -11.40 -8.14 -10.36
CA LYS A 72 -11.97 -9.03 -9.36
C LYS A 72 -12.15 -8.31 -8.04
N PHE A 73 -11.13 -7.52 -7.63
CA PHE A 73 -11.12 -6.92 -6.32
C PHE A 73 -12.13 -5.78 -6.29
N ASN A 74 -12.82 -5.66 -5.14
CA ASN A 74 -13.83 -4.65 -4.93
C ASN A 74 -13.97 -4.44 -3.43
N HIS A 75 -13.27 -3.42 -2.93
CA HIS A 75 -13.17 -3.16 -1.50
C HIS A 75 -12.76 -1.70 -1.32
N PRO A 76 -13.27 -0.99 -0.29
CA PRO A 76 -12.93 0.41 -0.06
C PRO A 76 -11.43 0.72 0.04
N ASN A 77 -10.66 -0.25 0.52
CA ASN A 77 -9.24 -0.05 0.79
C ASN A 77 -8.38 -0.73 -0.28
N ILE A 78 -8.97 -1.04 -1.44
CA ILE A 78 -8.24 -1.56 -2.59
C ILE A 78 -8.48 -0.63 -3.77
N LEU A 79 -7.38 -0.22 -4.43
CA LEU A 79 -7.43 0.74 -5.53
C LEU A 79 -8.38 0.23 -6.62
N LYS A 80 -9.25 1.12 -7.11
CA LYS A 80 -10.20 0.79 -8.16
C LYS A 80 -9.58 1.01 -9.54
N GLN A 81 -9.81 0.04 -10.42
CA GLN A 81 -9.52 0.15 -11.85
C GLN A 81 -10.80 0.56 -12.55
N LEU A 82 -10.79 1.75 -13.17
CA LEU A 82 -12.00 2.35 -13.73
C LEU A 82 -12.24 1.89 -15.16
N GLY A 83 -11.15 1.60 -15.90
CA GLY A 83 -11.27 1.19 -17.28
C GLY A 83 -9.96 0.64 -17.84
N VAL A 84 -10.03 0.13 -19.07
CA VAL A 84 -8.85 -0.29 -19.81
C VAL A 84 -9.01 0.13 -21.27
N CYS A 85 -7.87 0.46 -21.92
CA CYS A 85 -7.82 0.69 -23.35
C CYS A 85 -6.75 -0.22 -23.94
N LEU A 86 -7.19 -1.38 -24.45
CA LEU A 86 -6.27 -2.48 -24.76
C LEU A 86 -6.27 -2.82 -26.24
N LEU A 87 -6.96 -2.03 -27.07
CA LEU A 87 -7.08 -2.32 -28.49
C LEU A 87 -5.91 -1.71 -29.26
N ASN A 88 -5.33 -0.64 -28.72
CA ASN A 88 -4.23 0.05 -29.39
C ASN A 88 -3.02 0.10 -28.46
N GLU A 89 -1.86 0.41 -29.05
CA GLU A 89 -0.64 0.70 -28.32
C GLU A 89 -0.44 2.20 -28.12
N PRO A 90 -0.03 2.68 -26.93
CA PRO A 90 0.17 1.85 -25.75
C PRO A 90 -1.13 1.38 -25.10
N GLN A 91 -1.04 0.29 -24.33
CA GLN A 91 -2.19 -0.22 -23.59
C GLN A 91 -2.40 0.70 -22.39
N TYR A 92 -3.67 0.95 -22.02
CA TYR A 92 -3.96 1.80 -20.87
C TYR A 92 -4.74 1.01 -19.82
N ILE A 93 -4.25 1.07 -18.58
CA ILE A 93 -5.02 0.74 -17.39
C ILE A 93 -5.38 2.06 -16.71
N ILE A 94 -6.69 2.34 -16.63
CA ILE A 94 -7.20 3.58 -16.05
C ILE A 94 -7.49 3.34 -14.56
N LEU A 95 -6.78 4.08 -13.70
CA LEU A 95 -6.93 3.97 -12.26
C LEU A 95 -7.59 5.25 -11.70
N GLU A 96 -8.33 5.10 -10.60
CA GLU A 96 -8.83 6.26 -9.88
C GLU A 96 -7.64 7.06 -9.36
N LEU A 97 -7.72 8.38 -9.49
CA LEU A 97 -6.63 9.26 -9.09
C LEU A 97 -6.64 9.44 -7.57
N MET A 98 -5.49 9.17 -6.95
CA MET A 98 -5.32 9.32 -5.51
C MET A 98 -4.44 10.54 -5.24
N GLU A 99 -5.09 11.68 -4.95
CA GLU A 99 -4.43 12.98 -4.96
C GLU A 99 -3.33 13.07 -3.90
N GLY A 100 -3.40 12.21 -2.87
CA GLY A 100 -2.40 12.19 -1.82
C GLY A 100 -1.10 11.51 -2.26
N ARG A 101 -1.09 10.91 -3.46
CA ARG A 101 0.08 10.24 -4.00
C ARG A 101 0.32 8.98 -3.16
N ASP A 102 1.52 8.41 -3.26
CA ASP A 102 1.84 7.19 -2.54
C ASP A 102 1.97 7.50 -1.04
N LEU A 103 1.68 6.49 -0.21
CA LEU A 103 1.63 6.65 1.23
C LEU A 103 2.99 7.13 1.75
N LEU A 104 4.08 6.64 1.17
CA LEU A 104 5.40 6.96 1.66
C LEU A 104 5.66 8.45 1.48
N THR A 105 5.25 9.01 0.34
CA THR A 105 5.39 10.43 0.07
C THR A 105 4.51 11.21 1.04
N TYR A 106 3.26 10.77 1.20
CA TYR A 106 2.28 11.47 2.03
C TYR A 106 2.82 11.59 3.46
N LEU A 107 3.41 10.49 3.97
CA LEU A 107 3.95 10.47 5.31
C LEU A 107 5.10 11.47 5.45
N ARG A 108 6.01 11.47 4.46
CA ARG A 108 7.19 12.32 4.51
C ARG A 108 6.82 13.79 4.44
N LYS A 109 5.87 14.14 3.55
CA LYS A 109 5.40 15.51 3.45
C LYS A 109 4.72 15.97 4.74
N ALA A 110 4.18 15.02 5.54
CA ALA A 110 3.52 15.34 6.79
C ALA A 110 4.55 15.72 7.85
N ARG A 111 5.69 15.03 7.82
CA ARG A 111 6.74 15.22 8.80
C ARG A 111 7.54 16.48 8.47
N MET A 112 7.97 16.58 7.21
CA MET A 112 8.92 17.61 6.79
C MET A 112 8.18 18.85 6.28
N ALA A 113 6.96 19.08 6.78
CA ALA A 113 6.20 20.25 6.41
C ALA A 113 6.47 21.40 7.38
N THR A 114 6.62 21.06 8.67
CA THR A 114 6.97 22.04 9.69
C THR A 114 7.56 21.34 10.90
N PHE A 115 8.59 21.96 11.49
CA PHE A 115 9.22 21.49 12.71
C PHE A 115 8.32 21.80 13.91
N TYR A 116 7.36 22.71 13.72
CA TYR A 116 6.29 22.94 14.68
C TYR A 116 5.67 21.60 15.07
N GLY A 117 5.63 20.65 14.13
CA GLY A 117 5.18 19.30 14.39
C GLY A 117 4.55 18.70 13.15
N PRO A 118 4.36 17.36 13.10
CA PRO A 118 3.78 16.72 11.92
C PRO A 118 2.33 17.12 11.68
N LEU A 119 1.89 16.98 10.42
CA LEU A 119 0.53 17.29 10.01
C LEU A 119 -0.35 16.05 10.13
N LEU A 120 0.24 14.91 10.52
CA LEU A 120 -0.51 13.71 10.86
C LEU A 120 -0.35 13.39 12.34
N THR A 121 -1.46 13.09 13.01
CA THR A 121 -1.46 12.81 14.43
C THR A 121 -1.60 11.32 14.65
N LEU A 122 -1.46 10.88 15.91
CA LEU A 122 -1.49 9.47 16.21
C LEU A 122 -2.80 8.85 15.73
N VAL A 123 -3.92 9.57 15.92
CA VAL A 123 -5.23 9.06 15.53
C VAL A 123 -5.26 8.91 14.01
N ASP A 124 -4.72 9.92 13.29
CA ASP A 124 -4.67 9.87 11.84
C ASP A 124 -3.91 8.62 11.39
N LEU A 125 -2.77 8.36 12.03
CA LEU A 125 -1.87 7.28 11.65
C LEU A 125 -2.51 5.92 11.93
N VAL A 126 -3.17 5.80 13.10
CA VAL A 126 -3.82 4.55 13.46
C VAL A 126 -4.91 4.23 12.42
N ASP A 127 -5.64 5.26 11.97
CA ASP A 127 -6.67 5.09 10.96
C ASP A 127 -6.06 4.62 9.63
N LEU A 128 -4.81 5.00 9.34
CA LEU A 128 -4.12 4.52 8.15
C LEU A 128 -3.88 3.02 8.28
N CYS A 129 -3.40 2.58 9.45
CA CYS A 129 -3.14 1.16 9.69
C CYS A 129 -4.41 0.32 9.58
N VAL A 130 -5.52 0.85 10.14
CA VAL A 130 -6.81 0.16 10.10
C VAL A 130 -7.23 -0.07 8.64
N ASP A 131 -7.07 0.97 7.81
CA ASP A 131 -7.42 0.94 6.40
C ASP A 131 -6.69 -0.20 5.67
N ILE A 132 -5.37 -0.25 5.81
CA ILE A 132 -4.57 -1.27 5.14
C ILE A 132 -4.98 -2.65 5.67
N SER A 133 -5.05 -2.78 7.01
CA SER A 133 -5.35 -4.06 7.63
C SER A 133 -6.63 -4.64 7.06
N LYS A 134 -7.64 -3.79 6.87
CA LYS A 134 -8.89 -4.20 6.25
C LYS A 134 -8.63 -4.70 4.84
N GLY A 135 -7.81 -3.96 4.09
CA GLY A 135 -7.43 -4.34 2.74
C GLY A 135 -6.77 -5.70 2.71
N CYS A 136 -5.87 -5.94 3.67
CA CYS A 136 -5.12 -7.18 3.75
C CYS A 136 -6.04 -8.35 4.10
N VAL A 137 -7.04 -8.08 4.93
CA VAL A 137 -8.03 -9.08 5.32
C VAL A 137 -8.82 -9.49 4.09
N TYR A 138 -9.20 -8.50 3.27
CA TYR A 138 -9.98 -8.78 2.06
C TYR A 138 -9.17 -9.66 1.12
N LEU A 139 -7.91 -9.27 0.85
CA LEU A 139 -7.05 -9.97 -0.09
C LEU A 139 -6.81 -11.40 0.38
N GLU A 140 -6.64 -11.58 1.71
CA GLU A 140 -6.50 -12.90 2.29
C GLU A 140 -7.73 -13.74 2.00
N ARG A 141 -8.92 -13.16 2.18
CA ARG A 141 -10.17 -13.86 1.93
C ARG A 141 -10.29 -14.20 0.44
N MET A 142 -9.68 -13.37 -0.42
CA MET A 142 -9.64 -13.63 -1.85
C MET A 142 -8.39 -14.45 -2.23
N HIS A 143 -7.78 -15.09 -1.22
CA HIS A 143 -6.69 -16.04 -1.43
C HIS A 143 -5.52 -15.40 -2.18
N PHE A 144 -5.20 -14.14 -1.87
CA PHE A 144 -4.16 -13.42 -2.58
C PHE A 144 -3.02 -13.06 -1.64
N ILE A 145 -1.79 -13.37 -2.07
CA ILE A 145 -0.57 -13.04 -1.35
C ILE A 145 0.12 -11.92 -2.12
N HIS A 146 0.30 -10.76 -1.47
CA HIS A 146 0.71 -9.55 -2.15
C HIS A 146 2.21 -9.58 -2.46
N ARG A 147 3.01 -9.99 -1.47
CA ARG A 147 4.44 -10.25 -1.63
C ARG A 147 5.24 -8.95 -1.82
N ASP A 148 4.65 -7.78 -1.55
CA ASP A 148 5.40 -6.53 -1.57
C ASP A 148 4.62 -5.44 -0.82
N LEU A 149 4.21 -5.77 0.42
CA LEU A 149 3.51 -4.81 1.27
C LEU A 149 4.52 -3.79 1.79
N ALA A 150 4.32 -2.53 1.40
CA ALA A 150 5.17 -1.42 1.81
C ALA A 150 4.45 -0.11 1.55
N ALA A 151 4.86 0.96 2.24
CA ALA A 151 4.19 2.24 2.10
C ALA A 151 4.22 2.72 0.65
N ARG A 152 5.30 2.38 -0.08
CA ARG A 152 5.47 2.82 -1.46
C ARG A 152 4.34 2.27 -2.34
N ASN A 153 3.67 1.19 -1.92
CA ASN A 153 2.70 0.51 -2.76
C ASN A 153 1.26 0.80 -2.34
N CYS A 154 1.05 1.79 -1.45
CA CYS A 154 -0.28 2.25 -1.12
C CYS A 154 -0.44 3.70 -1.58
N LEU A 155 -1.70 4.18 -1.62
CA LEU A 155 -2.03 5.50 -2.12
C LEU A 155 -3.06 6.18 -1.20
N VAL A 156 -3.03 7.52 -1.18
CA VAL A 156 -3.87 8.30 -0.28
C VAL A 156 -4.80 9.19 -1.11
N SER A 157 -6.04 9.34 -0.63
CA SER A 157 -7.11 9.94 -1.41
C SER A 157 -6.95 11.46 -1.56
N VAL A 158 -6.34 12.12 -0.57
CA VAL A 158 -6.31 13.58 -0.53
C VAL A 158 -4.87 14.07 -0.34
N LYS A 159 -4.57 15.25 -0.90
CA LYS A 159 -3.27 15.88 -0.82
C LYS A 159 -3.08 16.58 0.52
N ASP A 160 -4.18 17.15 1.05
CA ASP A 160 -4.13 17.93 2.28
C ASP A 160 -4.14 16.98 3.47
N TYR A 161 -3.97 17.57 4.67
CA TYR A 161 -3.84 16.83 5.91
C TYR A 161 -4.97 17.17 6.89
N THR A 162 -5.99 17.89 6.42
CA THR A 162 -7.16 18.18 7.23
C THR A 162 -8.38 17.40 6.74
N SER A 163 -8.54 17.28 5.42
CA SER A 163 -9.70 16.62 4.84
C SER A 163 -9.72 15.14 5.20
N PRO A 164 -10.90 14.52 5.40
CA PRO A 164 -10.98 13.09 5.60
C PRO A 164 -10.29 12.32 4.49
N ARG A 165 -9.59 11.24 4.85
CA ARG A 165 -8.74 10.53 3.91
C ARG A 165 -8.98 9.03 3.99
N ILE A 166 -8.67 8.32 2.90
CA ILE A 166 -8.62 6.88 2.89
C ILE A 166 -7.35 6.43 2.18
N VAL A 167 -6.75 5.33 2.68
CA VAL A 167 -5.62 4.69 2.04
C VAL A 167 -6.14 3.44 1.32
N LYS A 168 -5.44 3.06 0.24
CA LYS A 168 -5.77 1.88 -0.53
C LYS A 168 -4.50 1.18 -0.96
N ILE A 169 -4.55 -0.15 -1.07
CA ILE A 169 -3.42 -0.94 -1.54
C ILE A 169 -3.42 -0.91 -3.06
N GLY A 170 -2.23 -0.71 -3.64
CA GLY A 170 -2.00 -0.79 -5.08
C GLY A 170 -0.84 -1.72 -5.40
N ASP A 171 -0.20 -1.47 -6.56
CA ASP A 171 0.89 -2.30 -7.08
C ASP A 171 0.52 -3.78 -7.03
N PHE A 172 -0.36 -4.20 -7.94
CA PHE A 172 -0.72 -5.61 -8.08
C PHE A 172 0.06 -6.21 -9.25
N LEU A 191 15.10 -5.59 -8.13
CA LEU A 191 15.00 -4.91 -6.81
C LEU A 191 14.72 -5.95 -5.73
N LEU A 192 15.57 -5.96 -4.69
CA LEU A 192 15.36 -6.77 -3.51
C LEU A 192 14.91 -5.84 -2.37
N PRO A 193 13.61 -5.88 -1.98
CA PRO A 193 13.15 -5.12 -0.83
C PRO A 193 13.46 -5.84 0.48
N VAL A 194 14.75 -5.89 0.82
CA VAL A 194 15.26 -6.78 1.86
C VAL A 194 14.71 -6.37 3.22
N ARG A 195 14.49 -5.06 3.38
CA ARG A 195 14.11 -4.50 4.67
C ARG A 195 12.66 -4.87 5.01
N TRP A 196 11.87 -5.24 3.99
CA TRP A 196 10.46 -5.58 4.16
C TRP A 196 10.23 -7.09 4.17
N MET A 197 11.30 -7.88 4.02
CA MET A 197 11.15 -9.30 3.72
C MET A 197 11.35 -10.13 4.98
N ALA A 198 10.46 -11.11 5.14
CA ALA A 198 10.51 -12.05 6.25
C ALA A 198 11.75 -12.94 6.12
N PRO A 199 12.28 -13.49 7.24
CA PRO A 199 13.47 -14.32 7.19
C PRO A 199 13.33 -15.56 6.30
N GLU A 200 12.14 -16.17 6.27
CA GLU A 200 11.88 -17.35 5.45
C GLU A 200 12.00 -16.99 3.96
N SER A 201 11.57 -15.78 3.62
CA SER A 201 11.53 -15.33 2.23
C SER A 201 12.96 -15.15 1.70
N LEU A 202 13.82 -14.53 2.52
CA LEU A 202 15.19 -14.23 2.14
C LEU A 202 16.00 -15.52 2.00
N MET A 203 15.85 -16.43 2.96
CA MET A 203 16.72 -17.59 3.04
C MET A 203 16.21 -18.72 2.15
N ASP A 204 14.88 -18.88 2.04
CA ASP A 204 14.30 -20.07 1.42
C ASP A 204 13.37 -19.74 0.25
N GLY A 205 13.06 -18.45 0.04
CA GLY A 205 12.13 -18.06 -1.00
C GLY A 205 10.69 -18.48 -0.70
N ILE A 206 10.34 -18.54 0.59
CA ILE A 206 8.98 -18.85 1.04
C ILE A 206 8.18 -17.56 1.07
N PHE A 207 6.93 -17.60 0.58
CA PHE A 207 6.03 -16.46 0.59
C PHE A 207 4.61 -16.91 0.92
N THR A 208 4.17 -16.63 2.16
CA THR A 208 2.84 -16.96 2.62
C THR A 208 2.14 -15.70 3.13
N THR A 209 0.87 -15.85 3.52
CA THR A 209 0.12 -14.82 4.21
C THR A 209 0.85 -14.41 5.49
N GLN A 210 1.52 -15.37 6.14
CA GLN A 210 2.25 -15.11 7.37
C GLN A 210 3.49 -14.29 7.11
N SER A 211 4.14 -14.48 5.94
CA SER A 211 5.26 -13.64 5.56
C SER A 211 4.75 -12.25 5.16
N ASP A 212 3.51 -12.17 4.66
CA ASP A 212 2.87 -10.89 4.43
C ASP A 212 2.69 -10.14 5.75
N VAL A 213 2.36 -10.88 6.82
CA VAL A 213 2.17 -10.31 8.14
C VAL A 213 3.47 -9.68 8.64
N TRP A 214 4.63 -10.29 8.33
CA TRP A 214 5.92 -9.70 8.62
C TRP A 214 6.01 -8.31 7.98
N SER A 215 5.70 -8.25 6.68
CA SER A 215 5.82 -7.03 5.91
C SER A 215 4.84 -5.97 6.42
N PHE A 216 3.60 -6.38 6.71
CA PHE A 216 2.62 -5.48 7.26
C PHE A 216 3.16 -4.89 8.57
N GLY A 217 3.90 -5.69 9.34
CA GLY A 217 4.59 -5.21 10.52
C GLY A 217 5.51 -4.04 10.19
N ILE A 218 6.33 -4.20 9.15
CA ILE A 218 7.28 -3.19 8.74
C ILE A 218 6.54 -1.95 8.23
N LEU A 219 5.42 -2.18 7.52
CA LEU A 219 4.59 -1.10 6.99
C LEU A 219 4.09 -0.20 8.12
N ILE A 220 3.49 -0.79 9.15
CA ILE A 220 2.91 0.03 10.20
C ILE A 220 4.02 0.75 10.97
N TRP A 221 5.24 0.19 10.96
CA TRP A 221 6.42 0.91 11.44
C TRP A 221 6.70 2.13 10.56
N GLU A 222 6.54 1.97 9.24
CA GLU A 222 6.75 3.07 8.31
C GLU A 222 5.75 4.19 8.60
N ILE A 223 4.49 3.80 8.81
CA ILE A 223 3.42 4.75 9.09
C ILE A 223 3.74 5.49 10.38
N LEU A 224 4.12 4.75 11.43
CA LEU A 224 4.31 5.29 12.77
C LEU A 224 5.58 6.13 12.87
N THR A 225 6.55 5.96 11.95
CA THR A 225 7.73 6.80 11.93
C THR A 225 7.61 7.87 10.84
N LEU A 226 6.42 8.00 10.24
CA LEU A 226 6.20 8.99 9.19
C LEU A 226 7.20 8.79 8.06
N GLY A 227 7.41 7.53 7.65
CA GLY A 227 8.08 7.23 6.40
C GLY A 227 9.61 7.19 6.52
N HIS A 228 10.12 6.73 7.68
CA HIS A 228 11.54 6.51 7.85
C HIS A 228 11.94 5.23 7.13
N GLN A 229 13.24 5.10 6.83
CA GLN A 229 13.80 3.88 6.27
C GLN A 229 14.02 2.87 7.39
N PRO A 230 13.51 1.62 7.25
CA PRO A 230 13.82 0.56 8.21
C PRO A 230 15.30 0.22 8.28
N TYR A 231 15.80 -0.04 9.49
CA TYR A 231 17.17 -0.45 9.74
C TYR A 231 18.11 0.62 9.19
N PRO A 232 18.01 1.89 9.66
CA PRO A 232 18.80 2.99 9.12
C PRO A 232 20.32 2.80 9.29
N ALA A 233 20.71 2.04 10.31
CA ALA A 233 22.11 1.83 10.65
C ALA A 233 22.73 0.70 9.83
N HIS A 234 21.96 0.06 8.94
CA HIS A 234 22.40 -1.15 8.27
C HIS A 234 22.34 -1.00 6.74
N SER A 235 23.42 -1.40 6.07
CA SER A 235 23.40 -1.57 4.62
C SER A 235 22.49 -2.74 4.29
N ASN A 236 22.14 -2.87 3.00
CA ASN A 236 21.26 -3.93 2.52
C ASN A 236 21.88 -5.29 2.83
N LEU A 237 23.21 -5.37 2.69
CA LEU A 237 23.98 -6.59 2.92
C LEU A 237 23.95 -6.98 4.40
N ASP A 238 23.64 -6.03 5.29
CA ASP A 238 23.75 -6.29 6.72
C ASP A 238 22.39 -6.64 7.32
N VAL A 239 21.30 -6.41 6.58
CA VAL A 239 19.95 -6.55 7.12
C VAL A 239 19.69 -8.01 7.50
N LEU A 240 20.00 -8.94 6.59
CA LEU A 240 19.76 -10.35 6.83
C LEU A 240 20.54 -10.78 8.06
N ASN A 241 21.84 -10.42 8.11
CA ASN A 241 22.68 -10.70 9.26
C ASN A 241 21.96 -10.28 10.53
N TYR A 242 21.56 -9.01 10.59
CA TYR A 242 21.02 -8.41 11.81
C TYR A 242 19.75 -9.16 12.23
N VAL A 243 18.90 -9.49 11.26
CA VAL A 243 17.62 -10.13 11.55
C VAL A 243 17.83 -11.54 12.07
N GLN A 244 18.70 -12.32 11.42
CA GLN A 244 18.82 -13.75 11.72
C GLN A 244 19.49 -13.99 13.07
N THR A 245 19.93 -12.92 13.76
CA THR A 245 20.41 -13.04 15.13
C THR A 245 19.36 -12.53 16.11
N GLY A 246 18.13 -12.32 15.62
CA GLY A 246 17.04 -11.85 16.45
C GLY A 246 16.96 -10.33 16.52
N GLY A 247 17.68 -9.64 15.62
CA GLY A 247 17.71 -8.19 15.59
C GLY A 247 16.46 -7.65 14.88
N ARG A 248 15.73 -6.77 15.56
CA ARG A 248 14.51 -6.16 15.02
C ARG A 248 14.67 -4.65 14.99
N LEU A 249 13.69 -3.98 14.37
CA LEU A 249 13.62 -2.53 14.34
C LEU A 249 13.57 -1.98 15.76
N GLU A 250 14.10 -0.76 15.94
CA GLU A 250 13.95 -0.02 17.18
C GLU A 250 12.56 0.58 17.22
N PRO A 251 11.90 0.68 18.40
CA PRO A 251 10.56 1.27 18.47
C PRO A 251 10.53 2.72 18.00
N PRO A 252 9.48 3.15 17.25
CA PRO A 252 9.31 4.56 16.94
C PRO A 252 9.20 5.42 18.19
N ARG A 253 9.55 6.70 18.06
CA ARG A 253 9.51 7.61 19.20
C ARG A 253 8.08 7.67 19.75
N ASN A 254 7.94 7.29 21.02
CA ASN A 254 6.70 7.43 21.77
C ASN A 254 5.64 6.47 21.26
N CYS A 255 6.05 5.44 20.50
CA CYS A 255 5.10 4.49 19.91
C CYS A 255 4.24 3.87 20.99
N PRO A 256 2.89 3.96 20.91
CA PRO A 256 2.03 3.31 21.88
C PRO A 256 2.41 1.85 22.09
N ASP A 257 2.49 1.46 23.36
CA ASP A 257 2.93 0.13 23.76
C ASP A 257 2.12 -0.93 23.03
N ASP A 258 0.80 -0.76 23.01
CA ASP A 258 -0.11 -1.72 22.41
C ASP A 258 0.28 -1.99 20.96
N LEU A 259 0.71 -0.93 20.24
CA LEU A 259 1.06 -1.04 18.84
C LEU A 259 2.43 -1.69 18.67
N TRP A 260 3.37 -1.41 19.59
CA TRP A 260 4.66 -2.06 19.58
C TRP A 260 4.53 -3.57 19.79
N ASN A 261 3.61 -3.98 20.67
CA ASN A 261 3.41 -5.39 20.96
C ASN A 261 2.84 -6.10 19.74
N LEU A 262 2.02 -5.39 18.97
CA LEU A 262 1.48 -5.95 17.72
C LEU A 262 2.60 -6.10 16.70
N MET A 263 3.37 -5.03 16.47
CA MET A 263 4.48 -5.05 15.52
C MET A 263 5.46 -6.18 15.87
N THR A 264 5.84 -6.25 17.15
CA THR A 264 6.77 -7.26 17.64
C THR A 264 6.30 -8.66 17.26
N GLN A 265 5.00 -8.93 17.39
CA GLN A 265 4.47 -10.27 17.15
C GLN A 265 4.38 -10.55 15.66
N CYS A 266 4.20 -9.51 14.85
CA CYS A 266 4.26 -9.61 13.40
C CYS A 266 5.62 -10.14 12.95
N TRP A 267 6.68 -9.87 13.74
CA TRP A 267 8.02 -10.30 13.42
C TRP A 267 8.48 -11.46 14.30
N ALA A 268 7.57 -12.35 14.68
CA ALA A 268 7.97 -13.60 15.31
C ALA A 268 8.81 -14.41 14.32
N GLN A 269 9.93 -14.96 14.80
CA GLN A 269 10.85 -15.72 13.95
C GLN A 269 10.11 -16.92 13.37
N GLU A 270 9.32 -17.60 14.21
CA GLU A 270 8.50 -18.71 13.77
C GLU A 270 7.26 -18.15 13.08
N PRO A 271 7.03 -18.47 11.77
CA PRO A 271 5.89 -17.92 11.03
C PRO A 271 4.52 -18.11 11.69
N ASP A 272 4.28 -19.27 12.30
CA ASP A 272 2.98 -19.57 12.86
C ASP A 272 2.82 -18.96 14.25
N GLN A 273 3.85 -18.25 14.74
CA GLN A 273 3.76 -17.46 15.96
C GLN A 273 3.31 -16.03 15.69
N ARG A 274 3.02 -15.71 14.42
CA ARG A 274 2.58 -14.39 14.02
C ARG A 274 1.05 -14.33 14.04
N PRO A 275 0.42 -13.16 14.31
CA PRO A 275 -1.03 -13.05 14.33
C PRO A 275 -1.65 -13.07 12.92
N THR A 276 -2.96 -13.34 12.87
CA THR A 276 -3.72 -13.31 11.63
C THR A 276 -4.12 -11.87 11.34
N PHE A 277 -4.53 -11.61 10.09
CA PHE A 277 -4.94 -10.29 9.67
C PHE A 277 -6.25 -9.89 10.35
N HIS A 278 -7.12 -10.87 10.62
CA HIS A 278 -8.33 -10.62 11.39
C HIS A 278 -7.95 -10.05 12.76
N ARG A 279 -6.99 -10.71 13.42
CA ARG A 279 -6.55 -10.29 14.74
C ARG A 279 -5.84 -8.95 14.66
N ILE A 280 -5.08 -8.72 13.59
CA ILE A 280 -4.39 -7.44 13.41
C ILE A 280 -5.41 -6.30 13.38
N GLN A 281 -6.53 -6.51 12.66
CA GLN A 281 -7.58 -5.50 12.57
C GLN A 281 -8.28 -5.34 13.92
N ASP A 282 -8.46 -6.45 14.65
CA ASP A 282 -9.05 -6.41 15.98
C ASP A 282 -8.22 -5.49 16.88
N GLN A 283 -6.94 -5.82 17.04
CA GLN A 283 -6.02 -5.05 17.87
C GLN A 283 -6.11 -3.56 17.56
N LEU A 284 -6.09 -3.23 16.27
CA LEU A 284 -5.98 -1.85 15.83
C LEU A 284 -7.23 -1.06 16.20
N GLN A 285 -8.41 -1.65 15.92
CA GLN A 285 -9.68 -1.02 16.23
C GLN A 285 -9.86 -0.89 17.74
N LEU A 286 -9.52 -1.95 18.47
CA LEU A 286 -9.60 -1.95 19.93
C LEU A 286 -8.69 -0.86 20.50
N PHE A 287 -7.44 -0.80 20.02
CA PHE A 287 -6.52 0.24 20.46
C PHE A 287 -7.16 1.60 20.21
N ARG A 288 -7.71 1.78 19.01
CA ARG A 288 -8.28 3.06 18.60
C ARG A 288 -9.45 3.42 19.54
N ASN A 289 -10.35 2.46 19.75
CA ASN A 289 -11.46 2.62 20.66
C ASN A 289 -10.95 3.08 22.02
N PHE A 290 -9.97 2.34 22.56
CA PHE A 290 -9.40 2.67 23.86
C PHE A 290 -8.92 4.11 23.86
N PHE A 291 -8.11 4.47 22.87
CA PHE A 291 -7.45 5.77 22.82
C PHE A 291 -8.48 6.89 22.76
N LEU A 292 -9.50 6.74 21.90
CA LEU A 292 -10.56 7.73 21.75
C LEU A 292 -11.27 7.95 23.09
N ASN A 293 -11.60 6.85 23.79
CA ASN A 293 -12.24 6.92 25.09
C ASN A 293 -11.38 7.73 26.08
N SER A 294 -10.07 7.46 26.08
CA SER A 294 -9.15 8.11 27.01
C SER A 294 -9.13 9.62 26.77
N ILE A 295 -9.39 10.06 25.54
CA ILE A 295 -9.46 11.48 25.21
C ILE A 295 -10.58 12.11 26.03
N TYR A 296 -11.80 11.60 25.81
CA TYR A 296 -13.02 12.24 26.28
C TYR A 296 -13.11 12.16 27.81
N LYS A 297 -12.54 11.09 28.39
CA LYS A 297 -12.62 10.86 29.83
C LYS A 297 -11.74 11.83 30.61
N SER A 298 -10.66 12.32 29.99
CA SER A 298 -9.69 13.17 30.67
C SER A 298 -10.40 14.32 31.42
#